data_3GUD
#
_entry.id   3GUD
#
_cell.length_a   84.040
_cell.length_b   84.040
_cell.length_c   41.450
_cell.angle_alpha   90.00
_cell.angle_beta   90.00
_cell.angle_gamma   120.00
#
_symmetry.space_group_name_H-M   'P 3'
#
loop_
_entity.id
_entity.type
_entity.pdbx_description
1 polymer 'Neck appendage protein'
2 non-polymer 'BROMIDE ION'
3 non-polymer DI(HYDROXYETHYL)ETHER
4 non-polymer 'CHLORIDE ION'
5 non-polymer 'SODIUM ION'
6 water water
#
_entity_poly.entity_id   1
_entity_poly.type   'polypeptide(L)'
_entity_poly.pdbx_seq_one_letter_code
;SDERHKTDIAPISDKVLDAWEKVKFYQYKFKDAVDEKGEEARYHFGVIAQQIVKVFEDEGLSAFDYGLVGYDEWEATEDE
YDSEGNLVEKGREAGNIYSIRPTECQWLEMACMRRKLERLSLEHHHHHH
;
_entity_poly.pdbx_strand_id   A,B
#
loop_
_chem_comp.id
_chem_comp.type
_chem_comp.name
_chem_comp.formula
BR non-polymer 'BROMIDE ION' 'Br -1'
CL non-polymer 'CHLORIDE ION' 'Cl -1'
NA non-polymer 'SODIUM ION' 'Na 1'
PEG non-polymer DI(HYDROXYETHYL)ETHER 'C4 H10 O3'
#
# COMPACT_ATOMS: atom_id res chain seq x y z
N GLU A 3 23.96 11.54 7.36
CA GLU A 3 23.23 11.08 8.54
C GLU A 3 22.16 10.09 8.16
N ARG A 4 21.34 9.73 9.16
CA ARG A 4 20.10 9.00 8.89
C ARG A 4 18.83 9.86 8.85
N HIS A 5 18.33 9.96 7.61
CA HIS A 5 17.03 10.51 7.27
C HIS A 5 16.01 9.36 7.27
N LYS A 6 16.37 8.29 8.01
CA LYS A 6 15.65 7.03 8.04
C LYS A 6 14.97 6.71 9.38
N THR A 7 14.02 5.77 9.36
CA THR A 7 13.28 5.38 10.55
C THR A 7 12.73 3.98 10.36
N ASP A 8 11.84 3.54 11.25
CA ASP A 8 11.28 2.19 11.18
C ASP A 8 12.38 1.23 10.78
N ILE A 9 13.55 1.47 11.37
CA ILE A 9 14.78 0.84 10.95
C ILE A 9 14.94 -0.50 11.65
N ALA A 10 15.29 -1.53 10.89
CA ALA A 10 15.38 -2.86 11.45
C ALA A 10 15.86 -3.85 10.41
N PRO A 11 16.22 -5.05 10.87
CA PRO A 11 16.59 -6.10 9.93
C PRO A 11 15.39 -6.46 9.06
N ILE A 12 15.63 -7.20 7.99
CA ILE A 12 14.61 -7.42 6.98
C ILE A 12 13.56 -8.48 7.36
N SER A 13 12.30 -8.06 7.33
CA SER A 13 11.14 -8.93 7.53
C SER A 13 11.36 -10.31 6.90
N ASP A 14 10.87 -11.33 7.60
CA ASP A 14 11.08 -12.72 7.20
C ASP A 14 9.96 -13.20 6.28
N LYS A 15 8.75 -12.72 6.54
CA LYS A 15 7.64 -12.97 5.64
C LYS A 15 7.98 -12.37 4.27
N VAL A 16 8.53 -11.15 4.28
CA VAL A 16 9.00 -10.51 3.05
C VAL A 16 10.05 -11.34 2.33
N LEU A 17 11.11 -11.70 3.04
CA LEU A 17 12.19 -12.49 2.47
C LEU A 17 11.64 -13.81 1.98
N ASP A 18 10.60 -14.27 2.67
CA ASP A 18 9.99 -15.54 2.35
C ASP A 18 9.07 -15.44 1.13
N ALA A 19 8.50 -14.26 0.93
CA ALA A 19 7.70 -13.99 -0.27
C ALA A 19 8.60 -13.79 -1.49
N TRP A 20 9.72 -13.09 -1.30
CA TRP A 20 10.67 -12.86 -2.39
C TRP A 20 11.29 -14.14 -2.90
N GLU A 21 11.61 -15.04 -1.98
CA GLU A 21 12.21 -16.31 -2.32
C GLU A 21 11.29 -16.99 -3.33
N LYS A 22 10.04 -16.51 -3.39
CA LYS A 22 8.99 -17.06 -4.26
C LYS A 22 9.06 -16.58 -5.71
N VAL A 23 9.63 -15.39 -5.93
CA VAL A 23 9.73 -14.84 -7.29
C VAL A 23 10.77 -15.55 -8.14
N LYS A 24 10.47 -15.71 -9.44
CA LYS A 24 11.32 -16.45 -10.39
C LYS A 24 12.16 -15.52 -11.26
N PHE A 25 13.32 -16.00 -11.71
CA PHE A 25 14.09 -15.29 -12.73
C PHE A 25 13.80 -15.85 -14.13
N TYR A 26 13.69 -14.97 -15.13
CA TYR A 26 13.43 -15.34 -16.52
C TYR A 26 14.44 -14.76 -17.52
N GLN A 27 14.52 -15.39 -18.68
CA GLN A 27 15.09 -14.73 -19.85
C GLN A 27 13.96 -14.59 -20.84
N TYR A 28 13.97 -13.47 -21.56
CA TYR A 28 12.87 -13.12 -22.47
C TYR A 28 13.37 -12.07 -23.47
N LYS A 29 12.59 -11.83 -24.51
CA LYS A 29 12.96 -10.79 -25.46
C LYS A 29 11.82 -9.79 -25.48
N PHE A 30 12.11 -8.55 -25.83
CA PHE A 30 11.09 -7.52 -25.86
C PHE A 30 10.33 -7.62 -27.16
N LYS A 31 9.01 -7.70 -27.10
CA LYS A 31 8.18 -7.77 -28.30
C LYS A 31 8.54 -6.62 -29.24
N ASP A 32 9.04 -5.55 -28.65
CA ASP A 32 9.49 -4.36 -29.35
C ASP A 32 10.57 -4.73 -30.35
N ALA A 33 11.69 -5.18 -29.79
CA ALA A 33 12.88 -5.50 -30.54
C ALA A 33 12.61 -6.62 -31.53
N VAL A 34 11.76 -7.57 -31.13
CA VAL A 34 11.64 -8.78 -31.91
C VAL A 34 10.98 -8.55 -33.24
N ASP A 35 9.94 -7.71 -33.26
CA ASP A 35 9.32 -7.35 -34.53
C ASP A 35 10.23 -6.45 -35.36
N GLU A 36 11.17 -5.78 -34.70
CA GLU A 36 12.18 -4.99 -35.37
C GLU A 36 13.27 -5.85 -36.03
N LYS A 37 13.94 -6.70 -35.26
CA LYS A 37 15.11 -7.38 -35.78
C LYS A 37 14.94 -8.89 -35.79
N GLY A 38 13.70 -9.37 -35.73
CA GLY A 38 13.46 -10.79 -35.59
C GLY A 38 14.16 -11.36 -34.37
N GLU A 39 14.52 -12.64 -34.42
CA GLU A 39 15.22 -13.28 -33.30
C GLU A 39 16.70 -12.89 -33.26
N GLU A 40 17.01 -11.83 -34.01
CA GLU A 40 18.26 -11.10 -33.92
C GLU A 40 18.28 -10.40 -32.56
N ALA A 41 17.07 -10.22 -32.01
CA ALA A 41 16.86 -9.50 -30.76
C ALA A 41 17.53 -10.15 -29.56
N ARG A 42 18.21 -9.32 -28.77
CA ARG A 42 18.99 -9.80 -27.63
C ARG A 42 18.15 -10.41 -26.53
N TYR A 43 18.76 -11.30 -25.75
CA TYR A 43 18.11 -11.79 -24.55
C TYR A 43 18.42 -10.88 -23.36
N HIS A 44 17.39 -10.61 -22.55
CA HIS A 44 17.56 -9.91 -21.27
C HIS A 44 17.14 -10.81 -20.12
N PHE A 45 17.80 -10.64 -18.98
CA PHE A 45 17.54 -11.50 -17.82
C PHE A 45 16.95 -10.66 -16.71
N GLY A 46 15.94 -11.19 -16.01
CA GLY A 46 15.44 -10.50 -14.85
C GLY A 46 14.22 -11.11 -14.22
N VAL A 47 13.47 -10.29 -13.49
CA VAL A 47 12.25 -10.72 -12.84
C VAL A 47 11.05 -10.18 -13.63
N ILE A 48 9.85 -10.64 -13.31
CA ILE A 48 8.65 -10.20 -14.02
C ILE A 48 7.59 -9.67 -13.05
N ALA A 49 7.27 -8.38 -13.15
CA ALA A 49 6.43 -7.71 -12.17
C ALA A 49 5.13 -8.46 -11.79
N GLN A 50 4.36 -8.86 -12.80
CA GLN A 50 3.10 -9.53 -12.55
C GLN A 50 3.26 -10.76 -11.71
N GLN A 51 4.30 -11.52 -11.97
CA GLN A 51 4.55 -12.66 -11.12
C GLN A 51 4.92 -12.24 -9.70
N ILE A 52 5.68 -11.14 -9.59
CA ILE A 52 6.12 -10.65 -8.29
C ILE A 52 4.90 -10.27 -7.47
N VAL A 53 4.01 -9.48 -8.07
CA VAL A 53 2.89 -8.97 -7.33
C VAL A 53 2.07 -10.13 -6.81
N LYS A 54 2.33 -11.31 -7.36
CA LYS A 54 1.50 -12.49 -7.12
C LYS A 54 2.03 -13.32 -5.95
N VAL A 55 3.34 -13.57 -5.93
CA VAL A 55 3.96 -14.38 -4.87
C VAL A 55 3.86 -13.68 -3.53
N PHE A 56 3.81 -12.36 -3.56
CA PHE A 56 3.58 -11.58 -2.36
C PHE A 56 2.11 -11.65 -1.91
N GLU A 57 1.20 -11.77 -2.87
CA GLU A 57 -0.24 -11.94 -2.64
C GLU A 57 -0.58 -13.25 -2.00
N ASP A 58 0.08 -14.31 -2.40
CA ASP A 58 -0.05 -15.59 -1.77
C ASP A 58 0.41 -15.57 -0.31
N GLU A 59 1.52 -14.93 -0.02
CA GLU A 59 2.07 -14.93 1.31
C GLU A 59 1.30 -13.86 2.01
N GLY A 60 0.40 -13.24 1.27
CA GLY A 60 -0.49 -12.25 1.82
C GLY A 60 0.00 -10.85 1.95
N LEU A 61 1.05 -10.51 1.23
CA LEU A 61 1.70 -9.19 1.28
C LEU A 61 1.39 -8.36 0.03
N SER A 62 1.76 -7.08 0.02
CA SER A 62 1.70 -6.27 -1.19
C SER A 62 3.09 -5.83 -1.63
N ALA A 63 3.46 -6.22 -2.85
CA ALA A 63 4.77 -5.90 -3.41
C ALA A 63 5.03 -4.42 -3.57
N PHE A 64 3.94 -3.66 -3.73
CA PHE A 64 3.99 -2.21 -3.91
C PHE A 64 4.50 -1.50 -2.67
N ASP A 65 4.30 -2.12 -1.50
CA ASP A 65 4.63 -1.50 -0.21
C ASP A 65 6.14 -1.43 0.07
N TYR A 66 6.86 -2.39 -0.51
CA TYR A 66 8.31 -2.46 -0.49
C TYR A 66 8.99 -1.84 -1.69
N GLY A 67 8.22 -1.16 -2.53
CA GLY A 67 8.75 -0.51 -3.70
C GLY A 67 9.46 -1.46 -4.66
N LEU A 68 8.95 -2.68 -4.80
CA LEU A 68 9.56 -3.64 -5.70
C LEU A 68 8.95 -3.50 -7.08
N VAL A 69 7.76 -2.90 -7.14
CA VAL A 69 6.93 -2.89 -8.35
C VAL A 69 6.20 -1.55 -8.55
N GLY A 70 5.96 -1.17 -9.80
CA GLY A 70 5.24 0.04 -10.11
C GLY A 70 4.05 -0.25 -10.99
N TYR A 71 3.07 0.64 -10.96
CA TYR A 71 1.94 0.52 -11.89
C TYR A 71 1.68 1.87 -12.51
N ASP A 72 1.33 1.84 -13.78
CA ASP A 72 1.30 2.98 -14.64
CA ASP A 72 1.17 3.04 -14.55
C ASP A 72 0.04 2.87 -15.53
N GLU A 73 -0.75 3.92 -15.63
CA GLU A 73 -1.97 3.88 -16.44
C GLU A 73 -2.23 5.20 -17.15
N TRP A 74 -2.89 5.16 -18.31
CA TRP A 74 -2.99 6.38 -19.12
C TRP A 74 -4.27 6.60 -19.94
N GLU A 75 -4.48 7.86 -20.31
CA GLU A 75 -5.61 8.26 -21.13
C GLU A 75 -5.35 8.02 -22.62
N ALA A 76 -6.43 7.79 -23.37
CA ALA A 76 -6.37 7.60 -24.82
C ALA A 76 -6.28 8.93 -25.55
N THR A 77 -5.11 9.22 -26.12
CA THR A 77 -4.85 10.53 -26.73
C THR A 77 -5.23 10.58 -28.22
N GLU A 78 -5.82 11.70 -28.64
CA GLU A 78 -6.38 11.82 -29.99
C GLU A 78 -5.39 11.64 -31.14
N ASP A 79 -5.93 11.16 -32.28
CA ASP A 79 -5.29 11.25 -33.58
C ASP A 79 -5.66 12.64 -34.07
N GLU A 80 -4.67 13.52 -34.22
CA GLU A 80 -5.04 14.89 -34.63
C GLU A 80 -4.47 15.38 -35.97
N TYR A 81 -5.43 15.76 -36.82
CA TYR A 81 -5.21 16.44 -38.08
C TYR A 81 -5.68 17.89 -37.90
N ASP A 82 -4.78 18.86 -38.06
CA ASP A 82 -5.16 20.25 -37.87
C ASP A 82 -4.39 21.18 -38.82
N SER A 83 -4.91 22.38 -39.00
CA SER A 83 -6.29 22.67 -38.60
C SER A 83 -7.08 22.29 -39.85
N GLU A 84 -6.65 21.19 -40.46
CA GLU A 84 -7.20 20.71 -41.72
C GLU A 84 -7.44 19.21 -41.55
N GLY A 85 -7.74 18.52 -42.64
CA GLY A 85 -7.87 17.07 -42.59
C GLY A 85 -6.50 16.42 -42.58
N ASN A 86 -5.47 17.21 -42.36
CA ASN A 86 -4.08 16.74 -42.43
C ASN A 86 -3.55 16.14 -41.11
N LEU A 87 -2.77 15.07 -41.21
CA LEU A 87 -2.24 14.39 -40.02
C LEU A 87 -0.85 14.90 -39.61
N VAL A 88 -0.74 15.32 -38.34
CA VAL A 88 0.51 15.78 -37.75
C VAL A 88 1.15 14.68 -36.91
N GLU A 89 0.35 14.09 -36.02
CA GLU A 89 0.77 13.10 -35.05
C GLU A 89 -0.27 11.97 -34.89
N LYS A 90 0.20 10.73 -34.77
CA LYS A 90 -0.67 9.62 -34.36
C LYS A 90 -0.33 9.18 -32.92
N GLY A 91 -1.28 9.35 -32.00
CA GLY A 91 -1.03 9.18 -30.58
C GLY A 91 -1.33 7.83 -29.92
N ARG A 92 -2.03 7.88 -28.78
CA ARG A 92 -2.13 6.73 -27.87
C ARG A 92 -3.50 6.06 -27.71
N GLU A 93 -3.48 4.74 -27.74
CA GLU A 93 -4.59 3.94 -27.25
C GLU A 93 -4.33 3.74 -25.77
N ALA A 94 -5.39 3.86 -24.98
CA ALA A 94 -5.30 3.66 -23.54
C ALA A 94 -4.72 2.29 -23.20
N GLY A 95 -3.79 2.27 -22.25
CA GLY A 95 -3.20 1.04 -21.78
C GLY A 95 -2.72 1.20 -20.36
N ASN A 96 -2.04 0.19 -19.84
CA ASN A 96 -1.36 0.29 -18.57
C ASN A 96 -0.10 -0.54 -18.65
N ILE A 97 0.68 -0.55 -17.59
CA ILE A 97 1.94 -1.23 -17.62
C ILE A 97 2.47 -1.38 -16.21
N TYR A 98 2.96 -2.56 -15.87
CA TYR A 98 3.68 -2.79 -14.63
C TYR A 98 5.16 -2.83 -14.95
N SER A 99 5.96 -2.18 -14.12
CA SER A 99 7.40 -2.17 -14.31
C SER A 99 7.96 -2.69 -13.00
N ILE A 100 9.28 -2.71 -12.86
CA ILE A 100 9.85 -3.06 -11.58
C ILE A 100 10.85 -1.98 -11.18
N ARG A 101 11.20 -1.95 -9.89
CA ARG A 101 12.22 -1.02 -9.40
C ARG A 101 13.48 -1.86 -9.11
N PRO A 102 14.34 -2.07 -10.14
CA PRO A 102 15.38 -3.11 -10.10
C PRO A 102 16.35 -3.04 -8.91
N THR A 103 16.68 -1.84 -8.43
CA THR A 103 17.69 -1.73 -7.38
C THR A 103 17.15 -2.20 -6.04
N GLU A 104 15.87 -2.00 -5.83
CA GLU A 104 15.25 -2.51 -4.62
C GLU A 104 15.13 -4.04 -4.72
N CYS A 105 14.87 -4.55 -5.93
CA CYS A 105 14.80 -6.00 -6.17
C CYS A 105 16.13 -6.72 -5.95
N GLN A 106 17.24 -6.13 -6.37
CA GLN A 106 18.56 -6.73 -6.16
C GLN A 106 18.89 -6.79 -4.69
N TRP A 107 18.62 -5.71 -3.97
CA TRP A 107 18.83 -5.71 -2.53
C TRP A 107 18.14 -6.94 -1.89
N LEU A 108 16.81 -7.04 -2.03
CA LEU A 108 16.09 -8.11 -1.37
C LEU A 108 16.58 -9.48 -1.83
N GLU A 109 16.93 -9.57 -3.11
CA GLU A 109 17.51 -10.79 -3.65
C GLU A 109 18.79 -11.15 -2.90
N MET A 110 19.69 -10.19 -2.73
CA MET A 110 20.94 -10.44 -2.04
C MET A 110 20.81 -10.66 -0.53
N ALA A 111 19.80 -10.02 0.07
CA ALA A 111 19.48 -10.28 1.48
C ALA A 111 18.94 -11.70 1.65
N CYS A 112 18.19 -12.14 0.64
CA CYS A 112 17.59 -13.47 0.58
C CYS A 112 18.67 -14.53 0.56
N MET A 113 19.62 -14.34 -0.35
CA MET A 113 20.73 -15.25 -0.57
C MET A 113 21.82 -15.11 0.46
N ARG A 114 21.73 -14.09 1.28
CA ARG A 114 22.55 -14.04 2.49
C ARG A 114 22.02 -15.01 3.52
N ARG A 115 20.70 -15.01 3.70
CA ARG A 115 20.04 -15.83 4.71
C ARG A 115 20.15 -17.34 4.44
N LYS A 116 19.94 -17.74 3.19
CA LYS A 116 20.10 -19.14 2.79
C LYS A 116 21.50 -19.66 3.10
N LEU A 117 22.48 -18.78 2.93
CA LEU A 117 23.87 -19.15 3.17
C LEU A 117 24.21 -19.29 4.64
N GLU A 118 23.54 -18.56 5.50
CA GLU A 118 23.65 -18.85 6.92
C GLU A 118 22.99 -20.23 7.09
N ARG A 119 22.29 -20.62 6.03
CA ARG A 119 21.61 -21.93 5.92
C ARG A 119 20.32 -21.95 6.71
N LEU A 120 19.69 -20.79 6.83
CA LEU A 120 18.30 -20.65 7.23
C LEU A 120 17.41 -20.88 6.02
N SER A 121 17.98 -21.55 5.01
CA SER A 121 17.25 -22.04 3.83
C SER A 121 18.22 -22.43 2.70
N SER B 1 -21.62 -5.23 -2.33
CA SER B 1 -22.43 -4.65 -3.39
C SER B 1 -22.44 -5.61 -4.56
N ASP B 2 -22.58 -5.06 -5.77
CA ASP B 2 -22.62 -5.83 -7.03
C ASP B 2 -21.44 -6.79 -7.28
N GLU B 3 -21.78 -8.06 -7.49
CA GLU B 3 -20.91 -9.13 -7.97
C GLU B 3 -20.02 -8.71 -9.16
N ARG B 4 -20.51 -7.79 -9.94
CA ARG B 4 -19.74 -7.26 -11.00
C ARG B 4 -19.38 -5.91 -10.50
N HIS B 5 -18.18 -5.46 -10.78
CA HIS B 5 -17.54 -4.35 -10.09
C HIS B 5 -16.73 -4.78 -8.87
N LYS B 6 -16.59 -6.04 -8.63
CA LYS B 6 -15.78 -6.45 -7.52
C LYS B 6 -14.85 -7.41 -8.14
N THR B 7 -13.61 -7.49 -7.71
CA THR B 7 -12.73 -8.53 -8.22
C THR B 7 -11.76 -9.02 -7.17
N ASP B 8 -10.87 -9.92 -7.56
CA ASP B 8 -9.98 -10.54 -6.60
C ASP B 8 -10.87 -11.15 -5.53
N ILE B 9 -12.17 -11.28 -5.82
CA ILE B 9 -13.05 -11.84 -4.82
C ILE B 9 -12.63 -13.25 -4.47
N ALA B 10 -12.34 -13.41 -3.19
CA ALA B 10 -11.80 -14.65 -2.67
C ALA B 10 -12.30 -14.75 -1.24
N PRO B 11 -12.07 -15.91 -0.59
CA PRO B 11 -12.36 -15.92 0.84
C PRO B 11 -11.31 -15.07 1.51
N ILE B 12 -11.56 -14.68 2.73
CA ILE B 12 -10.68 -13.81 3.44
C ILE B 12 -9.43 -14.53 3.90
N SER B 13 -8.30 -13.91 3.67
CA SER B 13 -7.00 -14.48 3.89
C SER B 13 -6.91 -14.83 5.33
N ASP B 14 -6.45 -16.03 5.58
CA ASP B 14 -6.20 -16.55 6.91
C ASP B 14 -5.11 -15.76 7.56
N LYS B 15 -4.22 -15.25 6.75
CA LYS B 15 -3.26 -14.30 7.19
C LYS B 15 -3.80 -12.96 7.68
N VAL B 16 -4.72 -12.32 6.97
CA VAL B 16 -5.21 -10.99 7.37
C VAL B 16 -5.94 -11.07 8.68
N LEU B 17 -6.52 -12.23 8.94
CA LEU B 17 -7.28 -12.48 10.15
C LEU B 17 -6.34 -12.84 11.28
N ASP B 18 -5.16 -13.35 10.94
CA ASP B 18 -4.11 -13.61 11.92
C ASP B 18 -3.82 -12.28 12.59
N ALA B 19 -3.41 -11.33 11.77
CA ALA B 19 -3.14 -9.98 12.20
C ALA B 19 -4.27 -9.41 13.04
N TRP B 20 -5.51 -9.52 12.56
CA TRP B 20 -6.65 -8.94 13.29
C TRP B 20 -6.91 -9.62 14.62
N GLU B 21 -6.40 -10.82 14.81
CA GLU B 21 -6.64 -11.55 16.05
C GLU B 21 -6.07 -10.80 17.24
N LYS B 22 -5.05 -9.98 16.98
CA LYS B 22 -4.30 -9.29 18.01
C LYS B 22 -4.54 -7.76 18.08
N VAL B 23 -5.51 -7.29 17.28
CA VAL B 23 -5.98 -5.90 17.37
C VAL B 23 -6.82 -5.83 18.62
N LYS B 24 -6.69 -4.74 19.38
CA LYS B 24 -7.27 -4.66 20.72
C LYS B 24 -8.43 -3.68 20.84
N PHE B 25 -9.34 -3.97 21.75
CA PHE B 25 -10.45 -3.08 22.07
C PHE B 25 -10.14 -2.30 23.35
N TYR B 26 -10.66 -1.08 23.44
CA TYR B 26 -10.53 -0.31 24.68
C TYR B 26 -11.84 0.44 24.98
N GLN B 27 -11.85 1.08 26.14
CA GLN B 27 -12.77 2.17 26.40
C GLN B 27 -11.90 3.43 26.46
N TYR B 28 -12.52 4.57 26.28
CA TYR B 28 -11.76 5.82 26.18
C TYR B 28 -12.61 7.07 26.05
N LYS B 29 -11.96 8.22 26.20
CA LYS B 29 -12.64 9.48 26.07
C LYS B 29 -11.76 10.38 25.22
N PHE B 30 -12.31 11.47 24.71
CA PHE B 30 -11.54 12.42 23.93
C PHE B 30 -10.95 13.47 24.84
N LYS B 31 -9.69 13.83 24.62
CA LYS B 31 -9.02 14.83 25.43
C LYS B 31 -9.77 16.19 25.51
N ASP B 32 -10.53 16.52 24.46
CA ASP B 32 -11.21 17.81 24.39
C ASP B 32 -12.55 17.81 25.12
N ALA B 33 -13.27 16.69 25.00
CA ALA B 33 -14.53 16.45 25.68
C ALA B 33 -14.35 16.54 27.21
N VAL B 34 -13.26 15.96 27.70
CA VAL B 34 -12.92 15.99 29.11
C VAL B 34 -12.42 17.37 29.53
N ASP B 35 -12.00 18.15 28.53
CA ASP B 35 -11.62 19.53 28.75
C ASP B 35 -12.87 20.28 29.13
N GLU B 36 -13.88 20.13 28.27
CA GLU B 36 -15.16 20.80 28.40
C GLU B 36 -16.04 20.26 29.53
N LYS B 37 -16.09 18.94 29.69
CA LYS B 37 -17.02 18.36 30.63
C LYS B 37 -16.32 17.86 31.88
N GLY B 38 -15.00 17.69 31.80
CA GLY B 38 -14.27 17.05 32.87
C GLY B 38 -14.52 15.56 32.80
N GLU B 39 -14.62 14.89 33.91
CA GLU B 39 -14.78 13.48 33.85
C GLU B 39 -16.22 13.03 33.58
N GLU B 40 -17.08 13.97 33.23
CA GLU B 40 -18.42 13.67 32.85
C GLU B 40 -18.55 13.36 31.35
N ALA B 41 -17.45 13.45 30.64
CA ALA B 41 -17.41 13.24 29.22
C ALA B 41 -17.77 11.82 28.98
N ARG B 42 -18.32 11.51 27.84
CA ARG B 42 -18.69 10.15 27.55
C ARG B 42 -17.58 9.21 27.25
N TYR B 43 -17.75 7.95 27.61
CA TYR B 43 -16.89 6.86 27.17
C TYR B 43 -17.28 6.46 25.76
N HIS B 44 -16.29 6.28 24.89
CA HIS B 44 -16.50 5.70 23.57
C HIS B 44 -15.77 4.37 23.53
N PHE B 45 -15.97 3.64 22.45
CA PHE B 45 -15.45 2.29 22.39
C PHE B 45 -14.79 2.06 21.05
N GLY B 46 -13.98 1.01 20.96
CA GLY B 46 -13.39 0.61 19.71
C GLY B 46 -11.90 0.42 19.77
N VAL B 47 -11.26 0.61 18.63
CA VAL B 47 -9.83 0.36 18.47
C VAL B 47 -9.06 1.67 18.40
N ILE B 48 -7.74 1.55 18.28
CA ILE B 48 -6.86 2.70 18.11
C ILE B 48 -6.04 2.52 16.82
N ALA B 49 -5.92 3.58 16.03
CA ALA B 49 -5.30 3.51 14.70
C ALA B 49 -3.86 2.97 14.68
N GLN B 50 -3.02 3.48 15.58
CA GLN B 50 -1.62 3.08 15.67
C GLN B 50 -1.45 1.65 16.10
N GLN B 51 -2.31 1.19 17.00
CA GLN B 51 -2.27 -0.19 17.43
C GLN B 51 -2.52 -1.17 16.30
N ILE B 52 -3.49 -0.86 15.45
CA ILE B 52 -3.75 -1.73 14.31
C ILE B 52 -2.58 -1.60 13.34
N VAL B 53 -2.10 -0.39 13.16
CA VAL B 53 -0.97 -0.17 12.28
C VAL B 53 0.14 -1.04 12.82
N LYS B 54 0.61 -0.68 14.01
CA LYS B 54 1.76 -1.34 14.62
C LYS B 54 1.77 -2.89 14.56
N VAL B 55 0.62 -3.55 14.73
CA VAL B 55 0.60 -5.03 14.73
C VAL B 55 0.54 -5.65 13.31
N PHE B 56 -0.08 -4.97 12.37
CA PHE B 56 -0.14 -5.49 11.01
C PHE B 56 1.25 -5.47 10.37
N GLU B 57 2.02 -4.42 10.65
CA GLU B 57 3.40 -4.30 10.16
C GLU B 57 4.36 -5.20 10.91
N ASP B 58 3.91 -5.65 12.08
CA ASP B 58 4.58 -6.66 12.88
C ASP B 58 4.38 -8.07 12.31
N GLU B 59 3.81 -8.15 11.11
CA GLU B 59 3.66 -9.41 10.39
C GLU B 59 3.78 -9.20 8.88
N GLY B 60 4.41 -8.08 8.52
CA GLY B 60 4.85 -7.88 7.15
C GLY B 60 3.80 -7.37 6.22
N LEU B 61 2.57 -7.33 6.72
CA LEU B 61 1.43 -6.81 5.98
C LEU B 61 1.02 -5.45 6.50
N SER B 62 0.27 -4.71 5.69
CA SER B 62 -0.09 -3.34 6.00
C SER B 62 -1.60 -3.25 6.21
N ALA B 63 -1.99 -2.66 7.34
CA ALA B 63 -3.39 -2.43 7.68
C ALA B 63 -4.06 -1.47 6.68
N PHE B 64 -3.24 -0.67 6.01
CA PHE B 64 -3.68 0.27 4.96
C PHE B 64 -4.07 -0.48 3.67
N ASP B 65 -3.47 -1.66 3.44
CA ASP B 65 -3.75 -2.46 2.25
C ASP B 65 -5.17 -3.02 2.23
N TYR B 66 -5.86 -2.86 3.35
CA TYR B 66 -7.21 -3.41 3.54
C TYR B 66 -8.17 -2.31 3.93
N GLY B 67 -7.69 -1.08 3.89
CA GLY B 67 -8.54 0.09 4.08
C GLY B 67 -8.92 0.23 5.54
N LEU B 68 -8.23 -0.50 6.41
CA LEU B 68 -8.58 -0.50 7.82
C LEU B 68 -8.29 0.84 8.50
N VAL B 69 -7.35 1.62 7.96
CA VAL B 69 -6.91 2.84 8.62
C VAL B 69 -6.64 4.00 7.65
N GLY B 70 -6.42 5.20 8.20
CA GLY B 70 -6.12 6.38 7.41
C GLY B 70 -5.14 7.30 8.11
N TYR B 71 -4.46 8.14 7.33
CA TYR B 71 -3.52 9.12 7.88
C TYR B 71 -3.63 10.40 7.07
N ASP B 72 -3.76 11.52 7.77
CA ASP B 72 -3.64 12.83 7.14
C ASP B 72 -2.69 13.71 7.95
N GLU B 73 -1.90 14.49 7.22
CA GLU B 73 -1.02 15.46 7.84
C GLU B 73 -1.14 16.76 7.05
N TRP B 74 -0.86 17.88 7.71
CA TRP B 74 -0.99 19.19 7.07
C TRP B 74 0.15 20.11 7.44
N GLU B 75 0.13 21.31 6.88
CA GLU B 75 1.13 22.32 7.15
C GLU B 75 0.44 23.53 7.78
N ALA B 76 1.22 24.44 8.35
CA ALA B 76 0.65 25.60 9.02
C ALA B 76 0.07 26.66 8.08
N THR B 77 -0.75 27.55 8.64
CA THR B 77 -1.23 28.71 7.90
C THR B 77 -0.99 29.99 8.69
N GLU B 78 -0.57 31.06 7.99
CA GLU B 78 -0.43 32.40 8.56
C GLU B 78 -1.69 32.81 9.34
N ASP B 79 -1.53 33.66 10.35
CA ASP B 79 -2.68 34.23 11.04
C ASP B 79 -3.31 35.29 10.14
N GLU B 80 -4.59 35.61 10.34
CA GLU B 80 -5.32 36.51 9.46
C GLU B 80 -5.53 37.90 10.06
N TYR B 81 -5.04 38.96 9.41
CA TYR B 81 -5.16 40.33 9.96
C TYR B 81 -5.97 41.44 9.27
N ASP B 82 -5.67 41.66 8.03
CA ASP B 82 -4.62 42.41 7.49
C ASP B 82 -4.64 43.92 7.81
N SER B 83 -5.79 44.56 7.69
CA SER B 83 -5.82 46.00 7.55
C SER B 83 -5.42 47.03 8.59
N GLU B 84 -5.90 46.90 9.81
CA GLU B 84 -5.57 47.87 10.86
C GLU B 84 -5.16 47.36 12.25
N GLY B 85 -4.41 46.26 12.30
CA GLY B 85 -4.16 45.60 13.57
C GLY B 85 -5.45 44.93 14.00
N ASN B 86 -6.01 44.15 13.08
CA ASN B 86 -7.18 43.36 13.39
C ASN B 86 -7.06 41.89 12.96
N LEU B 87 -6.51 41.06 13.86
CA LEU B 87 -6.48 39.60 13.66
C LEU B 87 -7.89 39.10 13.34
N VAL B 88 -8.13 38.75 12.07
CA VAL B 88 -9.41 38.16 11.68
C VAL B 88 -9.54 36.78 12.31
N GLU B 89 -8.51 35.95 12.13
CA GLU B 89 -8.28 34.78 12.99
C GLU B 89 -6.87 34.21 12.84
N LYS B 90 -6.41 33.57 13.90
CA LYS B 90 -5.13 32.88 13.89
C LYS B 90 -5.20 31.66 12.98
N GLY B 91 -4.18 31.51 12.14
CA GLY B 91 -4.13 30.40 11.21
C GLY B 91 -3.83 29.07 11.88
N ARG B 92 -3.54 28.07 11.06
CA ARG B 92 -3.32 26.69 11.48
C ARG B 92 -1.84 26.47 11.72
N GLU B 93 -1.49 25.25 12.09
CA GLU B 93 -0.09 24.86 12.06
C GLU B 93 0.10 23.44 11.58
N ALA B 94 1.33 23.10 11.21
CA ALA B 94 1.66 21.77 10.72
C ALA B 94 1.04 20.75 11.65
N GLY B 95 0.55 19.64 11.08
CA GLY B 95 -0.09 18.60 11.89
C GLY B 95 -0.35 17.31 11.13
N ASN B 96 -0.98 16.34 11.81
CA ASN B 96 -1.20 15.02 11.24
C ASN B 96 -1.99 14.14 12.20
N ILE B 97 -2.92 13.33 11.68
CA ILE B 97 -3.59 12.32 12.51
C ILE B 97 -3.97 11.05 11.77
N TYR B 98 -3.97 9.96 12.52
CA TYR B 98 -4.44 8.67 12.02
C TYR B 98 -5.95 8.58 12.09
N SER B 99 -6.48 7.47 11.58
CA SER B 99 -7.90 7.34 11.29
C SER B 99 -8.21 5.87 11.09
N ILE B 100 -9.37 5.41 11.58
CA ILE B 100 -9.84 4.06 11.24
C ILE B 100 -11.08 4.11 10.35
N ARG B 101 -11.38 2.99 9.70
CA ARG B 101 -12.61 2.83 8.96
C ARG B 101 -13.38 1.75 9.67
N PRO B 102 -14.38 2.15 10.48
CA PRO B 102 -15.17 1.31 11.39
C PRO B 102 -15.98 0.22 10.68
N THR B 103 -16.58 0.50 9.52
CA THR B 103 -17.34 -0.53 8.80
C THR B 103 -16.39 -1.56 8.25
N GLU B 104 -15.22 -1.11 7.86
CA GLU B 104 -14.20 -2.01 7.34
C GLU B 104 -13.62 -2.82 8.49
N CYS B 105 -13.30 -2.15 9.59
CA CYS B 105 -12.83 -2.87 10.76
C CYS B 105 -13.86 -3.88 11.25
N GLN B 106 -15.15 -3.50 11.28
CA GLN B 106 -16.18 -4.35 11.87
C GLN B 106 -16.41 -5.64 11.11
N TRP B 107 -16.33 -5.59 9.78
CA TRP B 107 -16.40 -6.83 9.00
C TRP B 107 -15.20 -7.77 9.26
N LEU B 108 -14.02 -7.22 9.50
CA LEU B 108 -12.88 -8.11 9.73
C LEU B 108 -13.01 -8.74 11.09
N GLU B 109 -13.72 -8.06 11.99
CA GLU B 109 -13.98 -8.62 13.31
C GLU B 109 -15.09 -9.67 13.25
N MET B 110 -15.99 -9.51 12.29
CA MET B 110 -17.01 -10.51 12.10
C MET B 110 -16.40 -11.76 11.49
N ALA B 111 -15.40 -11.56 10.63
CA ALA B 111 -14.66 -12.64 9.99
C ALA B 111 -13.84 -13.45 11.00
N CYS B 112 -13.11 -12.74 11.85
CA CYS B 112 -12.35 -13.29 12.96
C CYS B 112 -13.21 -14.11 13.94
N MET B 113 -14.35 -13.55 14.35
CA MET B 113 -15.24 -14.30 15.22
C MET B 113 -15.71 -15.53 14.50
N ARG B 114 -16.21 -15.37 13.29
CA ARG B 114 -16.67 -16.51 12.51
C ARG B 114 -15.61 -17.62 12.38
N ARG B 115 -14.34 -17.25 12.35
CA ARG B 115 -13.26 -18.25 12.25
C ARG B 115 -12.83 -18.82 13.60
N LYS B 116 -12.89 -18.02 14.65
CA LYS B 116 -12.65 -18.56 15.99
C LYS B 116 -13.82 -19.43 16.39
N LEU B 117 -15.03 -18.96 16.10
CA LEU B 117 -16.24 -19.66 16.46
C LEU B 117 -16.24 -21.07 15.93
N GLU B 118 -15.74 -21.26 14.71
CA GLU B 118 -15.60 -22.61 14.17
C GLU B 118 -14.41 -23.34 14.81
N ARG B 119 -14.42 -23.31 16.14
CA ARG B 119 -13.74 -24.30 16.96
C ARG B 119 -14.54 -24.38 18.26
N LEU B 120 -15.72 -25.00 18.19
CA LEU B 120 -16.29 -25.47 16.91
C LEU B 120 -17.72 -25.96 17.09
BR BR C . 17.20 -5.03 -27.83
C1 PEG D . 13.17 -2.64 -15.85
O1 PEG D . 14.39 -1.93 -15.64
C2 PEG D . 12.13 -2.09 -14.89
O2 PEG D . 10.82 -2.33 -15.41
C3 PEG D . 10.49 -1.34 -16.39
C4 PEG D . 9.28 -1.85 -17.18
O4 PEG D . 8.35 -0.78 -17.40
H11 PEG D . 12.83 -2.51 -16.87
H12 PEG D . 13.32 -3.71 -15.66
HO1 PEG D . 15.08 -2.33 -16.18
H21 PEG D . 12.22 -2.59 -13.91
H22 PEG D . 12.27 -1.02 -14.74
H31 PEG D . 10.25 -0.40 -15.91
H32 PEG D . 11.33 -1.19 -17.07
H41 PEG D . 9.60 -2.26 -18.14
H42 PEG D . 8.79 -2.65 -16.62
HO4 PEG D . 7.63 -1.10 -17.97
CL CL E . -18.31 13.28 25.00
NA NA F . -0.46 -6.80 3.09
#